data_1F6J
# 
_entry.id   1F6J 
# 
_audit_conform.dict_name       mmcif_pdbx.dic 
_audit_conform.dict_version    5.385 
_audit_conform.dict_location   http://mmcif.pdb.org/dictionaries/ascii/mmcif_pdbx.dic 
# 
loop_
_database_2.database_id 
_database_2.database_code 
_database_2.pdbx_database_accession 
_database_2.pdbx_DOI 
PDB   1F6J         pdb_00001f6j 10.2210/pdb1f6j/pdb 
NDB   UD0011       ?            ?                   
RCSB  RCSB011304   ?            ?                   
WWPDB D_1000011304 ?            ?                   
# 
loop_
_pdbx_audit_revision_history.ordinal 
_pdbx_audit_revision_history.data_content_type 
_pdbx_audit_revision_history.major_revision 
_pdbx_audit_revision_history.minor_revision 
_pdbx_audit_revision_history.revision_date 
1 'Structure model' 1 0 2000-08-28 
2 'Structure model' 1 1 2008-04-27 
3 'Structure model' 1 2 2011-07-13 
4 'Structure model' 1 3 2024-02-07 
# 
_pdbx_audit_revision_details.ordinal             1 
_pdbx_audit_revision_details.revision_ordinal    1 
_pdbx_audit_revision_details.data_content_type   'Structure model' 
_pdbx_audit_revision_details.provider            repository 
_pdbx_audit_revision_details.type                'Initial release' 
_pdbx_audit_revision_details.description         ? 
_pdbx_audit_revision_details.details             ? 
# 
loop_
_pdbx_audit_revision_group.ordinal 
_pdbx_audit_revision_group.revision_ordinal 
_pdbx_audit_revision_group.data_content_type 
_pdbx_audit_revision_group.group 
1 2 'Structure model' 'Version format compliance' 
2 3 'Structure model' 'Version format compliance' 
3 4 'Structure model' 'Data collection'           
4 4 'Structure model' 'Database references'       
5 4 'Structure model' 'Derived calculations'      
# 
loop_
_pdbx_audit_revision_category.ordinal 
_pdbx_audit_revision_category.revision_ordinal 
_pdbx_audit_revision_category.data_content_type 
_pdbx_audit_revision_category.category 
1 4 'Structure model' chem_comp_atom 
2 4 'Structure model' chem_comp_bond 
3 4 'Structure model' database_2     
4 4 'Structure model' struct_conn    
# 
loop_
_pdbx_audit_revision_item.ordinal 
_pdbx_audit_revision_item.revision_ordinal 
_pdbx_audit_revision_item.data_content_type 
_pdbx_audit_revision_item.item 
1 4 'Structure model' '_database_2.pdbx_DOI'                
2 4 'Structure model' '_database_2.pdbx_database_accession' 
3 4 'Structure model' '_struct_conn.pdbx_leaving_atom_flag' 
# 
_pdbx_database_status.status_code                     REL 
_pdbx_database_status.entry_id                        1F6J 
_pdbx_database_status.recvd_initial_deposition_date   2000-06-21 
_pdbx_database_status.deposit_site                    NDB 
_pdbx_database_status.process_site                    NDB 
_pdbx_database_status.status_code_sf                  REL 
_pdbx_database_status.SG_entry                        . 
_pdbx_database_status.pdb_format_compatible           Y 
_pdbx_database_status.status_code_mr                  ? 
_pdbx_database_status.status_code_cs                  ? 
_pdbx_database_status.status_code_nmr_data            ? 
_pdbx_database_status.methods_development_category    ? 
# 
loop_
_pdbx_database_related.db_name 
_pdbx_database_related.db_id 
_pdbx_database_related.details 
_pdbx_database_related.content_type 
PDB 1F69 'B-DNA HEXAMER GGCGCC WITH COBALT HEXAMINE' unspecified 
PDB 1F6C 'B-DNA HEXAMER GGCGCC WITH SPERMINE'        unspecified 
PDB 1F6E 'A-DNA HEXAMER GGCGM5CC'                    unspecified 
PDB 1F6I 'E-DNA HEXAMER GGCGM5CC'                    unspecified 
# 
loop_
_audit_author.name 
_audit_author.pdbx_ordinal 
'Vargason, J.M.' 1 
'Eichman, B.F.'  2 
'Ho, P.S.'       3 
# 
_citation.id                        primary 
_citation.title                     'The extended and eccentric E-DNA structure induced by cytosine methylation or bromination.' 
_citation.journal_abbrev            Nat.Struct.Biol. 
_citation.journal_volume            7 
_citation.page_first                758 
_citation.page_last                 761 
_citation.year                      2000 
_citation.journal_id_ASTM           NSBIEW 
_citation.country                   US 
_citation.journal_id_ISSN           1072-8368 
_citation.journal_id_CSD            2024 
_citation.book_publisher            ? 
_citation.pdbx_database_id_PubMed   10966645 
_citation.pdbx_database_id_DOI      10.1038/78985 
# 
loop_
_citation_author.citation_id 
_citation_author.name 
_citation_author.ordinal 
_citation_author.identifier_ORCID 
primary 'Vargason, J.M.' 1 ? 
primary 'Eichman, B.F.'  2 ? 
primary 'Ho, P.S.'       3 ? 
# 
loop_
_entity.id 
_entity.type 
_entity.src_method 
_entity.pdbx_description 
_entity.formula_weight 
_entity.pdbx_number_of_molecules 
_entity.pdbx_ec 
_entity.pdbx_mutation 
_entity.pdbx_fragment 
_entity.details 
1 polymer syn 
;DNA (5'-D(*GP*GP*CP*GP*(CBR)P*C)-3')
;
1889.101 2  ? ? ? ? 
2 water   nat water                                  18.015   28 ? ? ? ? 
# 
_entity_poly.entity_id                      1 
_entity_poly.type                           polydeoxyribonucleotide 
_entity_poly.nstd_linkage                   no 
_entity_poly.nstd_monomer                   yes 
_entity_poly.pdbx_seq_one_letter_code       '(DG)(DG)(DC)(DG)(CBR)(DC)' 
_entity_poly.pdbx_seq_one_letter_code_can   GGCGCC 
_entity_poly.pdbx_strand_id                 A,B 
_entity_poly.pdbx_target_identifier         ? 
# 
_pdbx_entity_nonpoly.entity_id   2 
_pdbx_entity_nonpoly.name        water 
_pdbx_entity_nonpoly.comp_id     HOH 
# 
loop_
_entity_poly_seq.entity_id 
_entity_poly_seq.num 
_entity_poly_seq.mon_id 
_entity_poly_seq.hetero 
1 1 DG  n 
1 2 DG  n 
1 3 DC  n 
1 4 DG  n 
1 5 CBR n 
1 6 DC  n 
# 
loop_
_chem_comp.id 
_chem_comp.type 
_chem_comp.mon_nstd_flag 
_chem_comp.name 
_chem_comp.pdbx_synonyms 
_chem_comp.formula 
_chem_comp.formula_weight 
CBR 'DNA linking' n "5-BROMO-2'-DEOXY-CYTIDINE-5'-MONOPHOSPHATE" ? 'C9 H13 Br N3 O7 P' 386.093 
DC  'DNA linking' y "2'-DEOXYCYTIDINE-5'-MONOPHOSPHATE"          ? 'C9 H14 N3 O7 P'    307.197 
DG  'DNA linking' y "2'-DEOXYGUANOSINE-5'-MONOPHOSPHATE"         ? 'C10 H14 N5 O7 P'   347.221 
HOH non-polymer   . WATER                                        ? 'H2 O'              18.015  
# 
loop_
_pdbx_poly_seq_scheme.asym_id 
_pdbx_poly_seq_scheme.entity_id 
_pdbx_poly_seq_scheme.seq_id 
_pdbx_poly_seq_scheme.mon_id 
_pdbx_poly_seq_scheme.ndb_seq_num 
_pdbx_poly_seq_scheme.pdb_seq_num 
_pdbx_poly_seq_scheme.auth_seq_num 
_pdbx_poly_seq_scheme.pdb_mon_id 
_pdbx_poly_seq_scheme.auth_mon_id 
_pdbx_poly_seq_scheme.pdb_strand_id 
_pdbx_poly_seq_scheme.pdb_ins_code 
_pdbx_poly_seq_scheme.hetero 
A 1 1 DG  1 1  1  DG  G   A . n 
A 1 2 DG  2 2  2  DG  G   A . n 
A 1 3 DC  3 3  3  DC  C   A . n 
A 1 4 DG  4 4  4  DG  G   A . n 
A 1 5 CBR 5 5  5  CBR BRO A . n 
A 1 6 DC  6 6  6  DC  C   A . n 
B 1 1 DG  1 7  7  DG  G   B . n 
B 1 2 DG  2 8  8  DG  G   B . n 
B 1 3 DC  3 9  9  DC  C   B . n 
B 1 4 DG  4 10 10 DG  G   B . n 
B 1 5 CBR 5 11 11 CBR BRO B . n 
B 1 6 DC  6 12 12 DC  C   B . n 
# 
loop_
_pdbx_nonpoly_scheme.asym_id 
_pdbx_nonpoly_scheme.entity_id 
_pdbx_nonpoly_scheme.mon_id 
_pdbx_nonpoly_scheme.ndb_seq_num 
_pdbx_nonpoly_scheme.pdb_seq_num 
_pdbx_nonpoly_scheme.auth_seq_num 
_pdbx_nonpoly_scheme.pdb_mon_id 
_pdbx_nonpoly_scheme.auth_mon_id 
_pdbx_nonpoly_scheme.pdb_strand_id 
_pdbx_nonpoly_scheme.pdb_ins_code 
C 2 HOH 1  23 23 HOH HOH A . 
C 2 HOH 2  24 24 HOH HOH A . 
C 2 HOH 3  26 26 HOH HOH A . 
C 2 HOH 4  35 35 HOH HOH A . 
C 2 HOH 5  38 38 HOH HOH A . 
C 2 HOH 6  40 40 HOH HOH A . 
D 2 HOH 1  13 13 HOH HOH B . 
D 2 HOH 2  14 14 HOH HOH B . 
D 2 HOH 3  15 15 HOH HOH B . 
D 2 HOH 4  16 16 HOH HOH B . 
D 2 HOH 5  17 17 HOH HOH B . 
D 2 HOH 6  18 18 HOH HOH B . 
D 2 HOH 7  19 19 HOH HOH B . 
D 2 HOH 8  20 20 HOH HOH B . 
D 2 HOH 9  21 21 HOH HOH B . 
D 2 HOH 10 22 22 HOH HOH B . 
D 2 HOH 11 25 25 HOH HOH B . 
D 2 HOH 12 27 27 HOH HOH B . 
D 2 HOH 13 28 28 HOH HOH B . 
D 2 HOH 14 29 29 HOH HOH B . 
D 2 HOH 15 30 30 HOH HOH B . 
D 2 HOH 16 31 31 HOH HOH B . 
D 2 HOH 17 32 32 HOH HOH B . 
D 2 HOH 18 33 33 HOH HOH B . 
D 2 HOH 19 34 34 HOH HOH B . 
D 2 HOH 20 36 36 HOH HOH B . 
D 2 HOH 21 37 37 HOH HOH B . 
D 2 HOH 22 39 39 HOH HOH B . 
# 
loop_
_software.name 
_software.classification 
_software.version 
_software.citation_id 
_software.pdbx_ordinal 
AMoRE  phasing          .     ? 1 
X-PLOR refinement       3.851 ? 2 
d*TREK 'data reduction' .     ? 3 
d*TREK 'data scaling'   .     ? 4 
# 
_cell.entry_id           1F6J 
_cell.length_a           60.400 
_cell.length_b           60.400 
_cell.length_c           24.704 
_cell.angle_alpha        90.00 
_cell.angle_beta         90.00 
_cell.angle_gamma        90.00 
_cell.Z_PDB              16 
_cell.pdbx_unique_axis   ? 
# 
_symmetry.entry_id                         1F6J 
_symmetry.space_group_name_H-M             'P 43 21 2' 
_symmetry.pdbx_full_space_group_name_H-M   ? 
_symmetry.cell_setting                     tetragonal 
_symmetry.Int_Tables_number                96 
# 
_exptl.entry_id          1F6J 
_exptl.method            'X-RAY DIFFRACTION' 
_exptl.crystals_number   1 
# 
_exptl_crystal.id                    1 
_exptl_crystal.density_meas          ? 
_exptl_crystal.density_percent_sol   58.37 
_exptl_crystal.density_Matthews      2.95 
_exptl_crystal.description           ? 
# 
_exptl_crystal_grow.crystal_id      1 
_exptl_crystal_grow.method          'VAPOR DIFFUSION, SITTING DROP' 
_exptl_crystal_grow.temp            298 
_exptl_crystal_grow.temp_details    ? 
_exptl_crystal_grow.pH              6.0 
_exptl_crystal_grow.pdbx_details    'MGCL2, SPERMINE, SODIUM CACODYLATE, pH 6.0, VAPOR DIFFUSION, SITTING DROP, temperature 298K' 
_exptl_crystal_grow.pdbx_pH_range   ? 
# 
loop_
_exptl_crystal_grow_comp.crystal_id 
_exptl_crystal_grow_comp.id 
_exptl_crystal_grow_comp.sol_id 
_exptl_crystal_grow_comp.name 
_exptl_crystal_grow_comp.volume 
_exptl_crystal_grow_comp.conc 
_exptl_crystal_grow_comp.details 
1 1 1 'SODIUM CACODYLATE' ? ? ? 
1 2 1 SPERMINE            ? ? ? 
1 3 1 MGCL2               ? ? ? 
1 4 2 MGCL2               ? ? ? 
# 
_diffrn.id                     1 
_diffrn.ambient_temp           298 
_diffrn.ambient_temp_details   ? 
_diffrn.crystal_id             1 
# 
_diffrn_detector.diffrn_id              1 
_diffrn_detector.detector               'IMAGE PLATE' 
_diffrn_detector.type                   'RIGAKU RAXIS IV' 
_diffrn_detector.pdbx_collection_date   1999-03-05 
_diffrn_detector.details                ? 
# 
_diffrn_radiation.diffrn_id                        1 
_diffrn_radiation.wavelength_id                    1 
_diffrn_radiation.pdbx_monochromatic_or_laue_m_l   M 
_diffrn_radiation.monochromator                    ? 
_diffrn_radiation.pdbx_diffrn_protocol             'SINGLE WAVELENGTH' 
_diffrn_radiation.pdbx_scattering_type             x-ray 
# 
_diffrn_radiation_wavelength.id           1 
_diffrn_radiation_wavelength.wavelength   1.5418 
_diffrn_radiation_wavelength.wt           1.0 
# 
_diffrn_source.diffrn_id                   1 
_diffrn_source.source                      'ROTATING ANODE' 
_diffrn_source.type                        'RIGAKU RU300' 
_diffrn_source.pdbx_synchrotron_site       ? 
_diffrn_source.pdbx_synchrotron_beamline   ? 
_diffrn_source.pdbx_wavelength             1.5418 
_diffrn_source.pdbx_wavelength_list        ? 
# 
_reflns.entry_id                     1F6J 
_reflns.observed_criterion_sigma_I   0.0 
_reflns.observed_criterion_sigma_F   0.0 
_reflns.d_resolution_low             500 
_reflns.d_resolution_high            2.25 
_reflns.number_obs                   2393 
_reflns.number_all                   2393 
_reflns.percent_possible_obs         99.9 
_reflns.pdbx_Rmerge_I_obs            0.05 
_reflns.pdbx_Rsym_value              ? 
_reflns.pdbx_netI_over_sigmaI        39.3 
_reflns.B_iso_Wilson_estimate        36.3 
_reflns.pdbx_redundancy              12.9 
_reflns.R_free_details               ? 
_reflns.pdbx_diffrn_id               1 
_reflns.pdbx_ordinal                 1 
# 
_reflns_shell.d_res_high             2.25 
_reflns_shell.d_res_low              2.33 
_reflns_shell.percent_possible_all   99.9 
_reflns_shell.Rmerge_I_obs           0.347 
_reflns_shell.pdbx_Rsym_value        ? 
_reflns_shell.meanI_over_sigI_obs    ? 
_reflns_shell.pdbx_redundancy        12.0 
_reflns_shell.percent_possible_obs   ? 
_reflns_shell.number_unique_all      ? 
_reflns_shell.pdbx_diffrn_id         ? 
_reflns_shell.pdbx_ordinal           1 
# 
_refine.entry_id                                 1F6J 
_refine.ls_number_reflns_obs                     2324 
_refine.ls_number_reflns_all                     2324 
_refine.pdbx_ls_sigma_I                          0.0 
_refine.pdbx_ls_sigma_F                          0.0 
_refine.pdbx_data_cutoff_high_absF               ? 
_refine.pdbx_data_cutoff_low_absF                ? 
_refine.pdbx_data_cutoff_high_rms_absF           ? 
_refine.ls_d_res_low                             8.0 
_refine.ls_d_res_high                            2.25 
_refine.ls_percent_reflns_obs                    ? 
_refine.ls_R_factor_obs                          0.2 
_refine.ls_R_factor_all                          0.2 
_refine.ls_R_factor_R_work                       0.193 
_refine.ls_R_factor_R_free                       0.256 
_refine.ls_R_factor_R_free_error                 ? 
_refine.ls_R_factor_R_free_error_details         ? 
_refine.ls_percent_reflns_R_free                 9.7 
_refine.ls_number_reflns_R_free                  226 
_refine.ls_number_parameters                     ? 
_refine.ls_number_restraints                     ? 
_refine.occupancy_min                            ? 
_refine.occupancy_max                            ? 
_refine.B_iso_mean                               ? 
_refine.aniso_B[1][1]                            ? 
_refine.aniso_B[2][2]                            ? 
_refine.aniso_B[3][3]                            ? 
_refine.aniso_B[1][2]                            ? 
_refine.aniso_B[1][3]                            ? 
_refine.aniso_B[2][3]                            ? 
_refine.solvent_model_details                    ? 
_refine.solvent_model_param_ksol                 ? 
_refine.solvent_model_param_bsol                 ? 
_refine.pdbx_ls_cross_valid_method               THROUGHOUT 
_refine.details                                  ? 
_refine.pdbx_starting_model                      ? 
_refine.pdbx_method_to_determine_struct          'MOLECULAR REPLACEMENT' 
_refine.pdbx_isotropic_thermal_model             ? 
_refine.pdbx_stereochemistry_target_values       'PARKINSON ET AL.' 
_refine.pdbx_stereochem_target_val_spec_case     ? 
_refine.pdbx_R_Free_selection_details            RANDOM 
_refine.pdbx_overall_ESU_R                       ? 
_refine.pdbx_overall_ESU_R_Free                  ? 
_refine.overall_SU_ML                            ? 
_refine.overall_SU_B                             ? 
_refine.ls_redundancy_reflns_obs                 ? 
_refine.pdbx_refine_id                           'X-RAY DIFFRACTION' 
_refine.pdbx_diffrn_id                           1 
_refine.pdbx_TLS_residual_ADP_flag               ? 
_refine.correlation_coeff_Fo_to_Fc               ? 
_refine.correlation_coeff_Fo_to_Fc_free          ? 
_refine.pdbx_solvent_vdw_probe_radii             ? 
_refine.pdbx_solvent_ion_probe_radii             ? 
_refine.pdbx_solvent_shrinkage_radii             ? 
_refine.pdbx_overall_phase_error                 ? 
_refine.overall_SU_R_Cruickshank_DPI             ? 
_refine.pdbx_overall_SU_R_free_Cruickshank_DPI   ? 
_refine.pdbx_overall_SU_R_Blow_DPI               ? 
_refine.pdbx_overall_SU_R_free_Blow_DPI          ? 
# 
_refine_hist.pdbx_refine_id                   'X-RAY DIFFRACTION' 
_refine_hist.cycle_id                         LAST 
_refine_hist.pdbx_number_atoms_protein        0 
_refine_hist.pdbx_number_atoms_nucleic_acid   240 
_refine_hist.pdbx_number_atoms_ligand         2 
_refine_hist.number_atoms_solvent             28 
_refine_hist.number_atoms_total               270 
_refine_hist.d_res_high                       2.25 
_refine_hist.d_res_low                        8.0 
# 
loop_
_refine_ls_restr.type 
_refine_ls_restr.dev_ideal 
_refine_ls_restr.dev_ideal_target 
_refine_ls_restr.weight 
_refine_ls_restr.number 
_refine_ls_restr.pdbx_refine_id 
_refine_ls_restr.pdbx_restraint_function 
x_bond_d                0.004 ? ? ? 'X-RAY DIFFRACTION' ? 
x_bond_d_na             ?     ? ? ? 'X-RAY DIFFRACTION' ? 
x_bond_d_prot           ?     ? ? ? 'X-RAY DIFFRACTION' ? 
x_angle_d               ?     ? ? ? 'X-RAY DIFFRACTION' ? 
x_angle_d_na            ?     ? ? ? 'X-RAY DIFFRACTION' ? 
x_angle_d_prot          ?     ? ? ? 'X-RAY DIFFRACTION' ? 
x_angle_deg             0.9   ? ? ? 'X-RAY DIFFRACTION' ? 
x_angle_deg_na          ?     ? ? ? 'X-RAY DIFFRACTION' ? 
x_angle_deg_prot        ?     ? ? ? 'X-RAY DIFFRACTION' ? 
x_dihedral_angle_d      ?     ? ? ? 'X-RAY DIFFRACTION' ? 
x_dihedral_angle_d_na   ?     ? ? ? 'X-RAY DIFFRACTION' ? 
x_dihedral_angle_d_prot ?     ? ? ? 'X-RAY DIFFRACTION' ? 
x_improper_angle_d      ?     ? ? ? 'X-RAY DIFFRACTION' ? 
x_improper_angle_d_na   ?     ? ? ? 'X-RAY DIFFRACTION' ? 
x_improper_angle_d_prot ?     ? ? ? 'X-RAY DIFFRACTION' ? 
x_mcbond_it             ?     ? ? ? 'X-RAY DIFFRACTION' ? 
x_mcangle_it            ?     ? ? ? 'X-RAY DIFFRACTION' ? 
x_scbond_it             ?     ? ? ? 'X-RAY DIFFRACTION' ? 
x_scangle_it            ?     ? ? ? 'X-RAY DIFFRACTION' ? 
# 
_struct.entry_id                  1F6J 
_struct.title                     'CRYSTAL STRUCTURE OF THE E-DNA HEXAMER GGCGBR5CC' 
_struct.pdbx_model_details        ? 
_struct.pdbx_CASP_flag            ? 
_struct.pdbx_model_type_details   ? 
# 
_struct_keywords.entry_id        1F6J 
_struct_keywords.pdbx_keywords   DNA 
_struct_keywords.text            'E-DNA, DOUBLE HELIX, METHYLATION, DNA' 
# 
loop_
_struct_asym.id 
_struct_asym.pdbx_blank_PDB_chainid_flag 
_struct_asym.pdbx_modified 
_struct_asym.entity_id 
_struct_asym.details 
A N N 1 ? 
B N N 1 ? 
C N N 2 ? 
D N N 2 ? 
# 
_struct_ref.id                         1 
_struct_ref.entity_id                  1 
_struct_ref.db_name                    PDB 
_struct_ref.db_code                    1F6J 
_struct_ref.pdbx_db_accession          1F6J 
_struct_ref.pdbx_db_isoform            ? 
_struct_ref.pdbx_seq_one_letter_code   ? 
_struct_ref.pdbx_align_begin           ? 
# 
loop_
_struct_ref_seq.align_id 
_struct_ref_seq.ref_id 
_struct_ref_seq.pdbx_PDB_id_code 
_struct_ref_seq.pdbx_strand_id 
_struct_ref_seq.seq_align_beg 
_struct_ref_seq.pdbx_seq_align_beg_ins_code 
_struct_ref_seq.seq_align_end 
_struct_ref_seq.pdbx_seq_align_end_ins_code 
_struct_ref_seq.pdbx_db_accession 
_struct_ref_seq.db_align_beg 
_struct_ref_seq.pdbx_db_align_beg_ins_code 
_struct_ref_seq.db_align_end 
_struct_ref_seq.pdbx_db_align_end_ins_code 
_struct_ref_seq.pdbx_auth_seq_align_beg 
_struct_ref_seq.pdbx_auth_seq_align_end 
1 1 1F6J A 1 ? 6 ? 1F6J 1 ? 6  ? 1 6  
2 1 1F6J B 1 ? 6 ? 1F6J 7 ? 12 ? 7 12 
# 
_pdbx_struct_assembly.id                   1 
_pdbx_struct_assembly.details              author_defined_assembly 
_pdbx_struct_assembly.method_details       ? 
_pdbx_struct_assembly.oligomeric_details   dimeric 
_pdbx_struct_assembly.oligomeric_count     2 
# 
_pdbx_struct_assembly_gen.assembly_id       1 
_pdbx_struct_assembly_gen.oper_expression   1 
_pdbx_struct_assembly_gen.asym_id_list      A,B,C,D 
# 
_pdbx_struct_oper_list.id                   1 
_pdbx_struct_oper_list.type                 'identity operation' 
_pdbx_struct_oper_list.name                 1_555 
_pdbx_struct_oper_list.symmetry_operation   x,y,z 
_pdbx_struct_oper_list.matrix[1][1]         1.0000000000 
_pdbx_struct_oper_list.matrix[1][2]         0.0000000000 
_pdbx_struct_oper_list.matrix[1][3]         0.0000000000 
_pdbx_struct_oper_list.vector[1]            0.0000000000 
_pdbx_struct_oper_list.matrix[2][1]         0.0000000000 
_pdbx_struct_oper_list.matrix[2][2]         1.0000000000 
_pdbx_struct_oper_list.matrix[2][3]         0.0000000000 
_pdbx_struct_oper_list.vector[2]            0.0000000000 
_pdbx_struct_oper_list.matrix[3][1]         0.0000000000 
_pdbx_struct_oper_list.matrix[3][2]         0.0000000000 
_pdbx_struct_oper_list.matrix[3][3]         1.0000000000 
_pdbx_struct_oper_list.vector[3]            0.0000000000 
# 
_struct_biol.id   1 
# 
loop_
_struct_conn.id 
_struct_conn.conn_type_id 
_struct_conn.pdbx_leaving_atom_flag 
_struct_conn.pdbx_PDB_id 
_struct_conn.ptnr1_label_asym_id 
_struct_conn.ptnr1_label_comp_id 
_struct_conn.ptnr1_label_seq_id 
_struct_conn.ptnr1_label_atom_id 
_struct_conn.pdbx_ptnr1_label_alt_id 
_struct_conn.pdbx_ptnr1_PDB_ins_code 
_struct_conn.pdbx_ptnr1_standard_comp_id 
_struct_conn.ptnr1_symmetry 
_struct_conn.ptnr2_label_asym_id 
_struct_conn.ptnr2_label_comp_id 
_struct_conn.ptnr2_label_seq_id 
_struct_conn.ptnr2_label_atom_id 
_struct_conn.pdbx_ptnr2_label_alt_id 
_struct_conn.pdbx_ptnr2_PDB_ins_code 
_struct_conn.ptnr1_auth_asym_id 
_struct_conn.ptnr1_auth_comp_id 
_struct_conn.ptnr1_auth_seq_id 
_struct_conn.ptnr2_auth_asym_id 
_struct_conn.ptnr2_auth_comp_id 
_struct_conn.ptnr2_auth_seq_id 
_struct_conn.ptnr2_symmetry 
_struct_conn.pdbx_ptnr3_label_atom_id 
_struct_conn.pdbx_ptnr3_label_seq_id 
_struct_conn.pdbx_ptnr3_label_comp_id 
_struct_conn.pdbx_ptnr3_label_asym_id 
_struct_conn.pdbx_ptnr3_label_alt_id 
_struct_conn.pdbx_ptnr3_PDB_ins_code 
_struct_conn.details 
_struct_conn.pdbx_dist_value 
_struct_conn.pdbx_value_order 
_struct_conn.pdbx_role 
covale1  covale both ? A DG  4 "O3'" ? ? ? 1_555 A CBR 5 P  ? ? A DG  4  A CBR 5  1_555 ? ? ? ? ? ? ?            1.605 ? ? 
covale2  covale both ? A CBR 5 "O3'" ? ? ? 1_555 A DC  6 P  ? ? A CBR 5  A DC  6  1_555 ? ? ? ? ? ? ?            1.604 ? ? 
covale3  covale both ? B DG  4 "O3'" ? ? ? 1_555 B CBR 5 P  ? ? B DG  10 B CBR 11 1_555 ? ? ? ? ? ? ?            1.603 ? ? 
covale4  covale both ? B CBR 5 "O3'" ? ? ? 1_555 B DC  6 P  ? ? B CBR 11 B DC  12 1_555 ? ? ? ? ? ? ?            1.597 ? ? 
hydrog1  hydrog ?    ? A DG  1 N1    ? ? ? 1_555 B DC  6 N3 ? ? A DG  1  B DC  12 1_555 ? ? ? ? ? ? WATSON-CRICK ?     ? ? 
hydrog2  hydrog ?    ? A DG  1 N2    ? ? ? 1_555 B DC  6 O2 ? ? A DG  1  B DC  12 1_555 ? ? ? ? ? ? WATSON-CRICK ?     ? ? 
hydrog3  hydrog ?    ? A DG  1 O6    ? ? ? 1_555 B DC  6 N4 ? ? A DG  1  B DC  12 1_555 ? ? ? ? ? ? WATSON-CRICK ?     ? ? 
hydrog4  hydrog ?    ? A DG  2 N1    ? ? ? 1_555 B CBR 5 N3 ? ? A DG  2  B CBR 11 1_555 ? ? ? ? ? ? WATSON-CRICK ?     ? ? 
hydrog5  hydrog ?    ? A DG  2 N2    ? ? ? 1_555 B CBR 5 O2 ? ? A DG  2  B CBR 11 1_555 ? ? ? ? ? ? WATSON-CRICK ?     ? ? 
hydrog6  hydrog ?    ? A DG  2 O6    ? ? ? 1_555 B CBR 5 N4 ? ? A DG  2  B CBR 11 1_555 ? ? ? ? ? ? WATSON-CRICK ?     ? ? 
hydrog7  hydrog ?    ? A DC  3 N3    ? ? ? 1_555 B DG  4 N1 ? ? A DC  3  B DG  10 1_555 ? ? ? ? ? ? WATSON-CRICK ?     ? ? 
hydrog8  hydrog ?    ? A DC  3 N4    ? ? ? 1_555 B DG  4 O6 ? ? A DC  3  B DG  10 1_555 ? ? ? ? ? ? WATSON-CRICK ?     ? ? 
hydrog9  hydrog ?    ? A DC  3 O2    ? ? ? 1_555 B DG  4 N2 ? ? A DC  3  B DG  10 1_555 ? ? ? ? ? ? WATSON-CRICK ?     ? ? 
hydrog10 hydrog ?    ? A DG  4 N1    ? ? ? 1_555 B DC  3 N3 ? ? A DG  4  B DC  9  1_555 ? ? ? ? ? ? WATSON-CRICK ?     ? ? 
hydrog11 hydrog ?    ? A DG  4 N2    ? ? ? 1_555 B DC  3 O2 ? ? A DG  4  B DC  9  1_555 ? ? ? ? ? ? WATSON-CRICK ?     ? ? 
hydrog12 hydrog ?    ? A DG  4 O6    ? ? ? 1_555 B DC  3 N4 ? ? A DG  4  B DC  9  1_555 ? ? ? ? ? ? WATSON-CRICK ?     ? ? 
hydrog13 hydrog ?    ? A CBR 5 N3    ? ? ? 1_555 B DG  2 N1 ? ? A CBR 5  B DG  8  1_555 ? ? ? ? ? ? WATSON-CRICK ?     ? ? 
hydrog14 hydrog ?    ? A CBR 5 N4    ? ? ? 1_555 B DG  2 O6 ? ? A CBR 5  B DG  8  1_555 ? ? ? ? ? ? WATSON-CRICK ?     ? ? 
hydrog15 hydrog ?    ? A CBR 5 O2    ? ? ? 1_555 B DG  2 N2 ? ? A CBR 5  B DG  8  1_555 ? ? ? ? ? ? WATSON-CRICK ?     ? ? 
hydrog16 hydrog ?    ? A DC  6 N3    ? ? ? 1_555 B DG  1 N1 ? ? A DC  6  B DG  7  1_555 ? ? ? ? ? ? WATSON-CRICK ?     ? ? 
hydrog17 hydrog ?    ? A DC  6 N4    ? ? ? 1_555 B DG  1 O6 ? ? A DC  6  B DG  7  1_555 ? ? ? ? ? ? WATSON-CRICK ?     ? ? 
hydrog18 hydrog ?    ? A DC  6 O2    ? ? ? 1_555 B DG  1 N2 ? ? A DC  6  B DG  7  1_555 ? ? ? ? ? ? WATSON-CRICK ?     ? ? 
# 
loop_
_struct_conn_type.id 
_struct_conn_type.criteria 
_struct_conn_type.reference 
covale ? ? 
hydrog ? ? 
# 
loop_
_pdbx_struct_mod_residue.id 
_pdbx_struct_mod_residue.label_asym_id 
_pdbx_struct_mod_residue.label_comp_id 
_pdbx_struct_mod_residue.label_seq_id 
_pdbx_struct_mod_residue.auth_asym_id 
_pdbx_struct_mod_residue.auth_comp_id 
_pdbx_struct_mod_residue.auth_seq_id 
_pdbx_struct_mod_residue.PDB_ins_code 
_pdbx_struct_mod_residue.parent_comp_id 
_pdbx_struct_mod_residue.details 
1 A CBR 5 A CBR 5  ? DC ? 
2 B CBR 5 B CBR 11 ? DC ? 
# 
loop_
_chem_comp_atom.comp_id 
_chem_comp_atom.atom_id 
_chem_comp_atom.type_symbol 
_chem_comp_atom.pdbx_aromatic_flag 
_chem_comp_atom.pdbx_stereo_config 
_chem_comp_atom.pdbx_ordinal 
CBR BR     BR N N 1   
CBR P      P  N N 2   
CBR OP1    O  N N 3   
CBR OP2    O  N N 4   
CBR "O5'"  O  N N 5   
CBR N1     N  N N 6   
CBR C6     C  N N 7   
CBR C2     C  N N 8   
CBR O2     O  N N 9   
CBR N3     N  N N 10  
CBR C4     C  N N 11  
CBR N4     N  N N 12  
CBR C5     C  N N 13  
CBR "C2'"  C  N N 14  
CBR "C5'"  C  N N 15  
CBR "C4'"  C  N R 16  
CBR "O4'"  O  N N 17  
CBR "C1'"  C  N R 18  
CBR "C3'"  C  N S 19  
CBR "O3'"  O  N N 20  
CBR OP3    O  N N 21  
CBR HOP2   H  N N 22  
CBR H6     H  N N 23  
CBR H41    H  N N 24  
CBR H42    H  N N 25  
CBR "H2'"  H  N N 26  
CBR "H2''" H  N N 27  
CBR "H5'"  H  N N 28  
CBR "H5''" H  N N 29  
CBR "H4'"  H  N N 30  
CBR "H1'"  H  N N 31  
CBR "H3'"  H  N N 32  
CBR "HO3'" H  N N 33  
CBR HOP3   H  N N 34  
DC  OP3    O  N N 35  
DC  P      P  N N 36  
DC  OP1    O  N N 37  
DC  OP2    O  N N 38  
DC  "O5'"  O  N N 39  
DC  "C5'"  C  N N 40  
DC  "C4'"  C  N R 41  
DC  "O4'"  O  N N 42  
DC  "C3'"  C  N S 43  
DC  "O3'"  O  N N 44  
DC  "C2'"  C  N N 45  
DC  "C1'"  C  N R 46  
DC  N1     N  N N 47  
DC  C2     C  N N 48  
DC  O2     O  N N 49  
DC  N3     N  N N 50  
DC  C4     C  N N 51  
DC  N4     N  N N 52  
DC  C5     C  N N 53  
DC  C6     C  N N 54  
DC  HOP3   H  N N 55  
DC  HOP2   H  N N 56  
DC  "H5'"  H  N N 57  
DC  "H5''" H  N N 58  
DC  "H4'"  H  N N 59  
DC  "H3'"  H  N N 60  
DC  "HO3'" H  N N 61  
DC  "H2'"  H  N N 62  
DC  "H2''" H  N N 63  
DC  "H1'"  H  N N 64  
DC  H41    H  N N 65  
DC  H42    H  N N 66  
DC  H5     H  N N 67  
DC  H6     H  N N 68  
DG  OP3    O  N N 69  
DG  P      P  N N 70  
DG  OP1    O  N N 71  
DG  OP2    O  N N 72  
DG  "O5'"  O  N N 73  
DG  "C5'"  C  N N 74  
DG  "C4'"  C  N R 75  
DG  "O4'"  O  N N 76  
DG  "C3'"  C  N S 77  
DG  "O3'"  O  N N 78  
DG  "C2'"  C  N N 79  
DG  "C1'"  C  N R 80  
DG  N9     N  Y N 81  
DG  C8     C  Y N 82  
DG  N7     N  Y N 83  
DG  C5     C  Y N 84  
DG  C6     C  N N 85  
DG  O6     O  N N 86  
DG  N1     N  N N 87  
DG  C2     C  N N 88  
DG  N2     N  N N 89  
DG  N3     N  N N 90  
DG  C4     C  Y N 91  
DG  HOP3   H  N N 92  
DG  HOP2   H  N N 93  
DG  "H5'"  H  N N 94  
DG  "H5''" H  N N 95  
DG  "H4'"  H  N N 96  
DG  "H3'"  H  N N 97  
DG  "HO3'" H  N N 98  
DG  "H2'"  H  N N 99  
DG  "H2''" H  N N 100 
DG  "H1'"  H  N N 101 
DG  H8     H  N N 102 
DG  H1     H  N N 103 
DG  H21    H  N N 104 
DG  H22    H  N N 105 
HOH O      O  N N 106 
HOH H1     H  N N 107 
HOH H2     H  N N 108 
# 
loop_
_chem_comp_bond.comp_id 
_chem_comp_bond.atom_id_1 
_chem_comp_bond.atom_id_2 
_chem_comp_bond.value_order 
_chem_comp_bond.pdbx_aromatic_flag 
_chem_comp_bond.pdbx_stereo_config 
_chem_comp_bond.pdbx_ordinal 
CBR BR    C5     sing N N 1   
CBR P     OP1    doub N N 2   
CBR P     OP2    sing N N 3   
CBR P     "O5'"  sing N N 4   
CBR P     OP3    sing N N 5   
CBR OP2   HOP2   sing N N 6   
CBR "O5'" "C5'"  sing N N 7   
CBR N1    C6     sing N N 8   
CBR N1    C2     sing N N 9   
CBR N1    "C1'"  sing N N 10  
CBR C6    C5     doub N N 11  
CBR C6    H6     sing N N 12  
CBR C2    O2     doub N N 13  
CBR C2    N3     sing N N 14  
CBR N3    C4     doub N N 15  
CBR C4    N4     sing N N 16  
CBR C4    C5     sing N N 17  
CBR N4    H41    sing N N 18  
CBR N4    H42    sing N N 19  
CBR "C2'" "C1'"  sing N N 20  
CBR "C2'" "C3'"  sing N N 21  
CBR "C2'" "H2'"  sing N N 22  
CBR "C2'" "H2''" sing N N 23  
CBR "C5'" "C4'"  sing N N 24  
CBR "C5'" "H5'"  sing N N 25  
CBR "C5'" "H5''" sing N N 26  
CBR "C4'" "O4'"  sing N N 27  
CBR "C4'" "C3'"  sing N N 28  
CBR "C4'" "H4'"  sing N N 29  
CBR "O4'" "C1'"  sing N N 30  
CBR "C1'" "H1'"  sing N N 31  
CBR "C3'" "O3'"  sing N N 32  
CBR "C3'" "H3'"  sing N N 33  
CBR "O3'" "HO3'" sing N N 34  
CBR OP3   HOP3   sing N N 35  
DC  OP3   P      sing N N 36  
DC  OP3   HOP3   sing N N 37  
DC  P     OP1    doub N N 38  
DC  P     OP2    sing N N 39  
DC  P     "O5'"  sing N N 40  
DC  OP2   HOP2   sing N N 41  
DC  "O5'" "C5'"  sing N N 42  
DC  "C5'" "C4'"  sing N N 43  
DC  "C5'" "H5'"  sing N N 44  
DC  "C5'" "H5''" sing N N 45  
DC  "C4'" "O4'"  sing N N 46  
DC  "C4'" "C3'"  sing N N 47  
DC  "C4'" "H4'"  sing N N 48  
DC  "O4'" "C1'"  sing N N 49  
DC  "C3'" "O3'"  sing N N 50  
DC  "C3'" "C2'"  sing N N 51  
DC  "C3'" "H3'"  sing N N 52  
DC  "O3'" "HO3'" sing N N 53  
DC  "C2'" "C1'"  sing N N 54  
DC  "C2'" "H2'"  sing N N 55  
DC  "C2'" "H2''" sing N N 56  
DC  "C1'" N1     sing N N 57  
DC  "C1'" "H1'"  sing N N 58  
DC  N1    C2     sing N N 59  
DC  N1    C6     sing N N 60  
DC  C2    O2     doub N N 61  
DC  C2    N3     sing N N 62  
DC  N3    C4     doub N N 63  
DC  C4    N4     sing N N 64  
DC  C4    C5     sing N N 65  
DC  N4    H41    sing N N 66  
DC  N4    H42    sing N N 67  
DC  C5    C6     doub N N 68  
DC  C5    H5     sing N N 69  
DC  C6    H6     sing N N 70  
DG  OP3   P      sing N N 71  
DG  OP3   HOP3   sing N N 72  
DG  P     OP1    doub N N 73  
DG  P     OP2    sing N N 74  
DG  P     "O5'"  sing N N 75  
DG  OP2   HOP2   sing N N 76  
DG  "O5'" "C5'"  sing N N 77  
DG  "C5'" "C4'"  sing N N 78  
DG  "C5'" "H5'"  sing N N 79  
DG  "C5'" "H5''" sing N N 80  
DG  "C4'" "O4'"  sing N N 81  
DG  "C4'" "C3'"  sing N N 82  
DG  "C4'" "H4'"  sing N N 83  
DG  "O4'" "C1'"  sing N N 84  
DG  "C3'" "O3'"  sing N N 85  
DG  "C3'" "C2'"  sing N N 86  
DG  "C3'" "H3'"  sing N N 87  
DG  "O3'" "HO3'" sing N N 88  
DG  "C2'" "C1'"  sing N N 89  
DG  "C2'" "H2'"  sing N N 90  
DG  "C2'" "H2''" sing N N 91  
DG  "C1'" N9     sing N N 92  
DG  "C1'" "H1'"  sing N N 93  
DG  N9    C8     sing Y N 94  
DG  N9    C4     sing Y N 95  
DG  C8    N7     doub Y N 96  
DG  C8    H8     sing N N 97  
DG  N7    C5     sing Y N 98  
DG  C5    C6     sing N N 99  
DG  C5    C4     doub Y N 100 
DG  C6    O6     doub N N 101 
DG  C6    N1     sing N N 102 
DG  N1    C2     sing N N 103 
DG  N1    H1     sing N N 104 
DG  C2    N2     sing N N 105 
DG  C2    N3     doub N N 106 
DG  N2    H21    sing N N 107 
DG  N2    H22    sing N N 108 
DG  N3    C4     sing N N 109 
HOH O     H1     sing N N 110 
HOH O     H2     sing N N 111 
# 
_ndb_struct_conf_na.entry_id   1F6J 
_ndb_struct_conf_na.feature    'a-form double helix' 
# 
loop_
_ndb_struct_na_base_pair.model_number 
_ndb_struct_na_base_pair.i_label_asym_id 
_ndb_struct_na_base_pair.i_label_comp_id 
_ndb_struct_na_base_pair.i_label_seq_id 
_ndb_struct_na_base_pair.i_symmetry 
_ndb_struct_na_base_pair.j_label_asym_id 
_ndb_struct_na_base_pair.j_label_comp_id 
_ndb_struct_na_base_pair.j_label_seq_id 
_ndb_struct_na_base_pair.j_symmetry 
_ndb_struct_na_base_pair.shear 
_ndb_struct_na_base_pair.stretch 
_ndb_struct_na_base_pair.stagger 
_ndb_struct_na_base_pair.buckle 
_ndb_struct_na_base_pair.propeller 
_ndb_struct_na_base_pair.opening 
_ndb_struct_na_base_pair.pair_number 
_ndb_struct_na_base_pair.pair_name 
_ndb_struct_na_base_pair.i_auth_asym_id 
_ndb_struct_na_base_pair.i_auth_seq_id 
_ndb_struct_na_base_pair.i_PDB_ins_code 
_ndb_struct_na_base_pair.j_auth_asym_id 
_ndb_struct_na_base_pair.j_auth_seq_id 
_ndb_struct_na_base_pair.j_PDB_ins_code 
_ndb_struct_na_base_pair.hbond_type_28 
_ndb_struct_na_base_pair.hbond_type_12 
1 A DG  1 1_555 B DC  6 1_555 -0.471 -0.230 0.229  -4.408 5.668   3.260 1 A_DG1:DC12_B  A 1 ? B 12 ? 19 1 
1 A DG  2 1_555 B CBR 5 1_555 -0.297 -0.255 -0.018 -2.126 -8.479  5.060 2 A_DG2:CBR11_B A 2 ? B 11 ? 19 1 
1 A DC  3 1_555 B DG  4 1_555 0.022  -0.222 -0.101 -0.340 0.916   4.883 3 A_DC3:DG10_B  A 3 ? B 10 ? 19 1 
1 A DG  4 1_555 B DC  3 1_555 -0.685 -0.018 -0.075 -7.327 -7.305  8.181 4 A_DG4:DC9_B   A 4 ? B 9  ? 19 1 
1 A CBR 5 1_555 B DG  2 1_555 0.216  -0.237 0.156  -2.194 -11.728 2.770 5 A_CBR5:DG8_B  A 5 ? B 8  ? 19 1 
1 A DC  6 1_555 B DG  1 1_555 0.570  -0.418 -0.133 7.425  -7.452  2.396 6 A_DC6:DG7_B   A 6 ? B 7  ? 19 1 
# 
loop_
_ndb_struct_na_base_pair_step.model_number 
_ndb_struct_na_base_pair_step.i_label_asym_id_1 
_ndb_struct_na_base_pair_step.i_label_comp_id_1 
_ndb_struct_na_base_pair_step.i_label_seq_id_1 
_ndb_struct_na_base_pair_step.i_symmetry_1 
_ndb_struct_na_base_pair_step.j_label_asym_id_1 
_ndb_struct_na_base_pair_step.j_label_comp_id_1 
_ndb_struct_na_base_pair_step.j_label_seq_id_1 
_ndb_struct_na_base_pair_step.j_symmetry_1 
_ndb_struct_na_base_pair_step.i_label_asym_id_2 
_ndb_struct_na_base_pair_step.i_label_comp_id_2 
_ndb_struct_na_base_pair_step.i_label_seq_id_2 
_ndb_struct_na_base_pair_step.i_symmetry_2 
_ndb_struct_na_base_pair_step.j_label_asym_id_2 
_ndb_struct_na_base_pair_step.j_label_comp_id_2 
_ndb_struct_na_base_pair_step.j_label_seq_id_2 
_ndb_struct_na_base_pair_step.j_symmetry_2 
_ndb_struct_na_base_pair_step.shift 
_ndb_struct_na_base_pair_step.slide 
_ndb_struct_na_base_pair_step.rise 
_ndb_struct_na_base_pair_step.tilt 
_ndb_struct_na_base_pair_step.roll 
_ndb_struct_na_base_pair_step.twist 
_ndb_struct_na_base_pair_step.x_displacement 
_ndb_struct_na_base_pair_step.y_displacement 
_ndb_struct_na_base_pair_step.helical_rise 
_ndb_struct_na_base_pair_step.inclination 
_ndb_struct_na_base_pair_step.tip 
_ndb_struct_na_base_pair_step.helical_twist 
_ndb_struct_na_base_pair_step.step_number 
_ndb_struct_na_base_pair_step.step_name 
_ndb_struct_na_base_pair_step.i_auth_asym_id_1 
_ndb_struct_na_base_pair_step.i_auth_seq_id_1 
_ndb_struct_na_base_pair_step.i_PDB_ins_code_1 
_ndb_struct_na_base_pair_step.j_auth_asym_id_1 
_ndb_struct_na_base_pair_step.j_auth_seq_id_1 
_ndb_struct_na_base_pair_step.j_PDB_ins_code_1 
_ndb_struct_na_base_pair_step.i_auth_asym_id_2 
_ndb_struct_na_base_pair_step.i_auth_seq_id_2 
_ndb_struct_na_base_pair_step.i_PDB_ins_code_2 
_ndb_struct_na_base_pair_step.j_auth_asym_id_2 
_ndb_struct_na_base_pair_step.j_auth_seq_id_2 
_ndb_struct_na_base_pair_step.j_PDB_ins_code_2 
1 A DG  1 1_555 B DC  6 1_555 A DG  2 1_555 B CBR 5 1_555 -0.197 -1.762 3.314 1.314  5.793  32.322 -4.075 0.566  2.952 10.298 
-2.335 32.849 1 AA_DG1DG2:CBR11DC12_BB A 1 ? B 12 ? A 2 ? B 11 ? 
1 A DG  2 1_555 B CBR 5 1_555 A DC  3 1_555 B DG  4 1_555 0.636  -1.970 3.316 0.080  1.437  32.691 -3.745 -1.115 3.230 2.552  
-0.143 32.722 2 AA_DG2DC3:DG10CBR11_BB A 2 ? B 11 ? A 3 ? B 10 ? 
1 A DC  3 1_555 B DG  4 1_555 A DG  4 1_555 B DC  3 1_555 -0.229 -2.176 3.661 -0.278 -2.202 22.695 -4.596 0.466  3.854 -5.579 
0.704  22.802 3 AA_DC3DG4:DC9DG10_BB   A 3 ? B 10 ? A 4 ? B 9  ? 
1 A DG  4 1_555 B DC  3 1_555 A CBR 5 1_555 B DG  2 1_555 -1.323 -1.990 3.311 -3.524 0.284  36.462 -3.207 1.607  3.404 0.453  
5.616  36.627 4 AA_DG4CBR5:DG8DC9_BB   A 4 ? B 9  ? A 5 ? B 8  ? 
1 A CBR 5 1_555 B DG  2 1_555 A DC  6 1_555 B DG  1 1_555 0.708  -1.744 3.014 4.865  6.609  27.547 -4.823 -0.465 2.618 13.504 
-9.941 28.721 5 AA_CBR5DC6:DG7DG8_BB   A 5 ? B 8  ? A 6 ? B 7  ? 
# 
_atom_sites.entry_id                    1F6J 
_atom_sites.fract_transf_matrix[1][1]   -0.00804600 
_atom_sites.fract_transf_matrix[1][2]   -0.01174845 
_atom_sites.fract_transf_matrix[1][3]   0.00844613 
_atom_sites.fract_transf_matrix[2][1]   -0.00851847 
_atom_sites.fract_transf_matrix[2][2]   -0.00396574 
_atom_sites.fract_transf_matrix[2][3]   -0.01363120 
_atom_sites.fract_transf_matrix[3][1]   0.02859667 
_atom_sites.fract_transf_matrix[3][2]   -0.02682216 
_atom_sites.fract_transf_matrix[3][3]   -0.01006734 
_atom_sites.fract_transf_vector[1]      0.889003 
_atom_sites.fract_transf_vector[2]      0.361617 
_atom_sites.fract_transf_vector[3]      0.113156 
# 
loop_
_atom_type.symbol 
BR 
C  
N  
O  
P  
# 
loop_
_atom_site.group_PDB 
_atom_site.id 
_atom_site.type_symbol 
_atom_site.label_atom_id 
_atom_site.label_alt_id 
_atom_site.label_comp_id 
_atom_site.label_asym_id 
_atom_site.label_entity_id 
_atom_site.label_seq_id 
_atom_site.pdbx_PDB_ins_code 
_atom_site.Cartn_x 
_atom_site.Cartn_y 
_atom_site.Cartn_z 
_atom_site.occupancy 
_atom_site.B_iso_or_equiv 
_atom_site.pdbx_formal_charge 
_atom_site.auth_seq_id 
_atom_site.auth_comp_id 
_atom_site.auth_asym_id 
_atom_site.auth_atom_id 
_atom_site.pdbx_PDB_model_num 
ATOM   1   O  "O5'" . DG  A 1 1 ? -2.609  2.343   12.719 1.00 70.93 ? 1  DG  A "O5'" 1 
ATOM   2   C  "C5'" . DG  A 1 1 ? -3.714  2.020   13.570 1.00 62.88 ? 1  DG  A "C5'" 1 
ATOM   3   C  "C4'" . DG  A 1 1 ? -3.993  0.534   13.574 1.00 59.18 ? 1  DG  A "C4'" 1 
ATOM   4   O  "O4'" . DG  A 1 1 ? -5.353  0.297   13.148 1.00 58.31 ? 1  DG  A "O4'" 1 
ATOM   5   C  "C3'" . DG  A 1 1 ? -3.119  -0.263  12.612 1.00 55.39 ? 1  DG  A "C3'" 1 
ATOM   6   O  "O3'" . DG  A 1 1 ? -1.943  -0.731  13.287 1.00 56.19 ? 1  DG  A "O3'" 1 
ATOM   7   C  "C2'" . DG  A 1 1 ? -4.019  -1.431  12.272 1.00 56.40 ? 1  DG  A "C2'" 1 
ATOM   8   C  "C1'" . DG  A 1 1 ? -5.382  -0.762  12.199 1.00 56.09 ? 1  DG  A "C1'" 1 
ATOM   9   N  N9    . DG  A 1 1 ? -5.657  -0.181  10.890 1.00 55.89 ? 1  DG  A N9    1 
ATOM   10  C  C8    . DG  A 1 1 ? -5.772  1.152   10.574 1.00 55.24 ? 1  DG  A C8    1 
ATOM   11  N  N7    . DG  A 1 1 ? -6.008  1.359   9.307  1.00 53.67 ? 1  DG  A N7    1 
ATOM   12  C  C5    . DG  A 1 1 ? -6.055  0.087   8.754  1.00 52.95 ? 1  DG  A C5    1 
ATOM   13  C  C6    . DG  A 1 1 ? -6.281  -0.329  7.419  1.00 49.31 ? 1  DG  A C6    1 
ATOM   14  O  O6    . DG  A 1 1 ? -6.491  0.369   6.419  1.00 47.86 ? 1  DG  A O6    1 
ATOM   15  N  N1    . DG  A 1 1 ? -6.242  -1.714  7.302  1.00 47.49 ? 1  DG  A N1    1 
ATOM   16  C  C2    . DG  A 1 1 ? -6.019  -2.588  8.338  1.00 46.08 ? 1  DG  A C2    1 
ATOM   17  N  N2    . DG  A 1 1 ? -6.013  -3.890  8.026  1.00 42.13 ? 1  DG  A N2    1 
ATOM   18  N  N3    . DG  A 1 1 ? -5.813  -2.216  9.585  1.00 50.46 ? 1  DG  A N3    1 
ATOM   19  C  C4    . DG  A 1 1 ? -5.843  -0.873  9.721  1.00 54.20 ? 1  DG  A C4    1 
ATOM   20  P  P     . DG  A 1 2 ? -0.575  -0.919  12.465 1.00 58.74 ? 2  DG  A P     1 
ATOM   21  O  OP1   . DG  A 1 2 ? 0.528   -1.194  13.419 1.00 61.28 ? 2  DG  A OP1   1 
ATOM   22  O  OP2   . DG  A 1 2 ? -0.472  0.231   11.533 1.00 61.50 ? 2  DG  A OP2   1 
ATOM   23  O  "O5'" . DG  A 1 2 ? -0.813  -2.244  11.614 1.00 55.39 ? 2  DG  A "O5'" 1 
ATOM   24  C  "C5'" . DG  A 1 2 ? -1.109  -3.487  12.265 1.00 51.12 ? 2  DG  A "C5'" 1 
ATOM   25  C  "C4'" . DG  A 1 2 ? -1.402  -4.556  11.237 1.00 50.64 ? 2  DG  A "C4'" 1 
ATOM   26  O  "O4'" . DG  A 1 2 ? -2.645  -4.282  10.556 1.00 50.02 ? 2  DG  A "O4'" 1 
ATOM   27  C  "C3'" . DG  A 1 2 ? -0.353  -4.651  10.139 1.00 51.74 ? 2  DG  A "C3'" 1 
ATOM   28  O  "O3'" . DG  A 1 2 ? 0.696   -5.541  10.535 1.00 52.82 ? 2  DG  A "O3'" 1 
ATOM   29  C  "C2'" . DG  A 1 2 ? -1.151  -5.262  9.006  1.00 53.70 ? 2  DG  A "C2'" 1 
ATOM   30  C  "C1'" . DG  A 1 2 ? -2.520  -4.615  9.173  1.00 50.31 ? 2  DG  A "C1'" 1 
ATOM   31  N  N9    . DG  A 1 2 ? -2.683  -3.393  8.391  1.00 47.01 ? 2  DG  A N9    1 
ATOM   32  C  C8    . DG  A 1 2 ? -2.579  -2.092  8.829  1.00 44.41 ? 2  DG  A C8    1 
ATOM   33  N  N7    . DG  A 1 2 ? -2.780  -1.215  7.884  1.00 39.17 ? 2  DG  A N7    1 
ATOM   34  C  C5    . DG  A 1 2 ? -3.034  -1.980  6.755  1.00 38.51 ? 2  DG  A C5    1 
ATOM   35  C  C6    . DG  A 1 2 ? -3.327  -1.586  5.424  1.00 35.46 ? 2  DG  A C6    1 
ATOM   36  O  O6    . DG  A 1 2 ? -3.440  -0.444  4.967  1.00 34.43 ? 2  DG  A O6    1 
ATOM   37  N  N1    . DG  A 1 2 ? -3.507  -2.686  4.591  1.00 35.55 ? 2  DG  A N1    1 
ATOM   38  C  C2    . DG  A 1 2 ? -3.429  -3.999  4.989  1.00 35.59 ? 2  DG  A C2    1 
ATOM   39  N  N2    . DG  A 1 2 ? -3.640  -4.918  4.035  1.00 32.70 ? 2  DG  A N2    1 
ATOM   40  N  N3    . DG  A 1 2 ? -3.165  -4.381  6.228  1.00 37.80 ? 2  DG  A N3    1 
ATOM   41  C  C4    . DG  A 1 2 ? -2.977  -3.326  7.051  1.00 40.69 ? 2  DG  A C4    1 
ATOM   42  P  P     . DC  A 1 3 ? 2.088   -5.534  9.734  1.00 54.41 ? 3  DC  A P     1 
ATOM   43  O  OP1   . DC  A 1 3 ? 2.818   -6.781  10.078 1.00 54.03 ? 3  DC  A OP1   1 
ATOM   44  O  OP2   . DC  A 1 3 ? 2.735   -4.215  9.943  1.00 54.95 ? 3  DC  A OP2   1 
ATOM   45  O  "O5'" . DC  A 1 3 ? 1.658   -5.627  8.205  1.00 56.33 ? 3  DC  A "O5'" 1 
ATOM   46  C  "C5'" . DC  A 1 3 ? 1.200   -6.869  7.659  1.00 55.06 ? 3  DC  A "C5'" 1 
ATOM   47  C  "C4'" . DC  A 1 3 ? 1.088   -6.771  6.155  1.00 55.17 ? 3  DC  A "C4'" 1 
ATOM   48  O  "O4'" . DC  A 1 3 ? 0.001   -5.909  5.774  1.00 54.06 ? 3  DC  A "O4'" 1 
ATOM   49  C  "C3'" . DC  A 1 3 ? 2.302   -6.214  5.429  1.00 54.27 ? 3  DC  A "C3'" 1 
ATOM   50  O  "O3'" . DC  A 1 3 ? 3.260   -7.253  5.190  1.00 57.70 ? 3  DC  A "O3'" 1 
ATOM   51  C  "C2'" . DC  A 1 3 ? 1.689   -5.797  4.108  1.00 53.93 ? 3  DC  A "C2'" 1 
ATOM   52  C  "C1'" . DC  A 1 3 ? 0.258   -5.404  4.467  1.00 53.67 ? 3  DC  A "C1'" 1 
ATOM   53  N  N1    . DC  A 1 3 ? 0.064   -3.954  4.480  1.00 50.38 ? 3  DC  A N1    1 
ATOM   54  C  C2    . DC  A 1 3 ? -0.284  -3.335  3.288  1.00 49.27 ? 3  DC  A C2    1 
ATOM   55  O  O2    . DC  A 1 3 ? -0.461  -4.041  2.286  1.00 48.20 ? 3  DC  A O2    1 
ATOM   56  N  N3    . DC  A 1 3 ? -0.422  -1.990  3.250  1.00 51.40 ? 3  DC  A N3    1 
ATOM   57  C  C4    . DC  A 1 3 ? -0.237  -1.273  4.359  1.00 51.08 ? 3  DC  A C4    1 
ATOM   58  N  N4    . DC  A 1 3 ? -0.370  0.053   4.274  1.00 50.82 ? 3  DC  A N4    1 
ATOM   59  C  C5    . DC  A 1 3 ? 0.099   -1.885  5.603  1.00 52.65 ? 3  DC  A C5    1 
ATOM   60  C  C6    . DC  A 1 3 ? 0.235   -3.218  5.617  1.00 50.59 ? 3  DC  A C6    1 
ATOM   61  P  P     . DG  A 1 4 ? 4.452   -7.012  4.136  1.00 58.84 ? 4  DG  A P     1 
ATOM   62  O  OP1   . DG  A 1 4 ? 5.367   -8.180  4.204  1.00 60.77 ? 4  DG  A OP1   1 
ATOM   63  O  OP2   . DG  A 1 4 ? 4.985   -5.639  4.358  1.00 60.08 ? 4  DG  A OP2   1 
ATOM   64  O  "O5'" . DG  A 1 4 ? 3.738   -7.030  2.709  1.00 57.41 ? 4  DG  A "O5'" 1 
ATOM   65  C  "C5'" . DG  A 1 4 ? 4.447   -6.591  1.531  1.00 50.21 ? 4  DG  A "C5'" 1 
ATOM   66  C  "C4'" . DG  A 1 4 ? 3.527   -6.574  0.332  1.00 42.05 ? 4  DG  A "C4'" 1 
ATOM   67  O  "O4'" . DG  A 1 4 ? 2.333   -5.831  0.649  1.00 36.56 ? 4  DG  A "O4'" 1 
ATOM   68  C  "C3'" . DG  A 1 4 ? 4.140   -5.870  -0.873 1.00 40.74 ? 4  DG  A "C3'" 1 
ATOM   69  O  "O3'" . DG  A 1 4 ? 4.788   -6.821  -1.726 1.00 46.40 ? 4  DG  A "O3'" 1 
ATOM   70  C  "C2'" . DG  A 1 4 ? 2.926   -5.284  -1.563 1.00 35.13 ? 4  DG  A "C2'" 1 
ATOM   71  C  "C1'" . DG  A 1 4 ? 2.042   -4.904  -0.388 1.00 31.82 ? 4  DG  A "C1'" 1 
ATOM   72  N  N9    . DG  A 1 4 ? 2.262   -3.563  0.142  1.00 27.42 ? 4  DG  A N9    1 
ATOM   73  C  C8    . DG  A 1 4 ? 2.629   -3.231  1.422  1.00 25.26 ? 4  DG  A C8    1 
ATOM   74  N  N7    . DG  A 1 4 ? 2.718   -1.942  1.611  1.00 28.43 ? 4  DG  A N7    1 
ATOM   75  C  C5    . DG  A 1 4 ? 2.393   -1.390  0.378  1.00 25.57 ? 4  DG  A C5    1 
ATOM   76  C  C6    . DG  A 1 4 ? 2.318   -0.030  -0.035 1.00 27.05 ? 4  DG  A C6    1 
ATOM   77  O  O6    . DG  A 1 4 ? 2.515   0.993   0.632  1.00 26.00 ? 4  DG  A O6    1 
ATOM   78  N  N1    . DG  A 1 4 ? 1.959   0.078   -1.372 1.00 26.01 ? 4  DG  A N1    1 
ATOM   79  C  C2    . DG  A 1 4 ? 1.699   -0.981  -2.205 1.00 25.45 ? 4  DG  A C2    1 
ATOM   80  N  N2    . DG  A 1 4 ? 1.355   -0.671  -3.459 1.00 27.56 ? 4  DG  A N2    1 
ATOM   81  N  N3    . DG  A 1 4 ? 1.767   -2.247  -1.836 1.00 27.43 ? 4  DG  A N3    1 
ATOM   82  C  C4    . DG  A 1 4 ? 2.117   -2.378  -0.540 1.00 25.07 ? 4  DG  A C4    1 
HETATM 83  BR BR    . CBR A 1 5 ? 5.781   -2.122  -0.879 1.00 47.34 ? 5  CBR A BR    1 
HETATM 84  P  P     . CBR A 1 5 ? 6.001   -6.347  -2.665 1.00 44.00 ? 5  CBR A P     1 
HETATM 85  O  OP1   . CBR A 1 5 ? 6.462   -7.509  -3.463 1.00 54.62 ? 5  CBR A OP1   1 
HETATM 86  O  OP2   . CBR A 1 5 ? 6.957   -5.634  -1.787 1.00 49.89 ? 5  CBR A OP2   1 
HETATM 87  O  "O5'" . CBR A 1 5 ? 5.343   -5.295  -3.663 1.00 47.54 ? 5  CBR A "O5'" 1 
HETATM 88  N  N1    . CBR A 1 5 ? 4.424   -1.564  -4.709 1.00 38.44 ? 5  CBR A N1    1 
HETATM 89  C  C6    . CBR A 1 5 ? 4.836   -2.144  -3.544 1.00 37.04 ? 5  CBR A C6    1 
HETATM 90  C  C2    . CBR A 1 5 ? 4.422   -0.181  -4.842 1.00 34.14 ? 5  CBR A C2    1 
HETATM 91  O  O2    . CBR A 1 5 ? 4.096   0.311   -5.927 1.00 40.47 ? 5  CBR A O2    1 
HETATM 92  N  N3    . CBR A 1 5 ? 4.784   0.585   -3.798 1.00 35.48 ? 5  CBR A N3    1 
HETATM 93  C  C4    . CBR A 1 5 ? 5.158   0.013   -2.655 1.00 37.54 ? 5  CBR A C4    1 
HETATM 94  N  N4    . CBR A 1 5 ? 5.485   0.811   -1.640 1.00 43.30 ? 5  CBR A N4    1 
HETATM 95  C  C5    . CBR A 1 5 ? 5.208   -1.399  -2.504 1.00 34.88 ? 5  CBR A C5    1 
HETATM 96  C  "C2'" . CBR A 1 5 ? 5.062   -2.851  -6.754 1.00 46.90 ? 5  CBR A "C2'" 1 
HETATM 97  C  "C5'" . CBR A 1 5 ? 4.221   -5.655  -4.486 1.00 44.44 ? 5  CBR A "C5'" 1 
HETATM 98  C  "C4'" . CBR A 1 5 ? 4.120   -4.714  -5.664 1.00 44.82 ? 5  CBR A "C4'" 1 
HETATM 99  O  "O4'" . CBR A 1 5 ? 3.348   -3.555  -5.295 1.00 45.80 ? 5  CBR A "O4'" 1 
HETATM 100 C  "C1'" . CBR A 1 5 ? 3.952   -2.380  -5.832 1.00 41.28 ? 5  CBR A "C1'" 1 
HETATM 101 C  "C3'" . CBR A 1 5 ? 5.462   -4.167  -6.123 1.00 48.04 ? 5  CBR A "C3'" 1 
HETATM 102 O  "O3'" . CBR A 1 5 ? 6.039   -5.010  -7.119 1.00 53.25 ? 5  CBR A "O3'" 1 
ATOM   103 P  P     . DC  A 1 6 ? 7.559   -4.761  -7.567 1.00 56.79 ? 6  DC  A P     1 
ATOM   104 O  OP1   . DC  A 1 6 ? 7.819   -5.620  -8.752 1.00 58.77 ? 6  DC  A OP1   1 
ATOM   105 O  OP2   . DC  A 1 6 ? 8.434   -4.862  -6.364 1.00 52.89 ? 6  DC  A OP2   1 
ATOM   106 O  "O5'" . DC  A 1 6 ? 7.582   -3.236  -8.026 1.00 55.27 ? 6  DC  A "O5'" 1 
ATOM   107 C  "C5'" . DC  A 1 6 ? 8.706   -2.395  -7.720 1.00 48.98 ? 6  DC  A "C5'" 1 
ATOM   108 C  "C4'" . DC  A 1 6 ? 8.489   -1.015  -8.292 1.00 45.18 ? 6  DC  A "C4'" 1 
ATOM   109 O  "O4'" . DC  A 1 6 ? 7.452   -0.347  -7.545 1.00 43.36 ? 6  DC  A "O4'" 1 
ATOM   110 C  "C3'" . DC  A 1 6 ? 9.711   -0.113  -8.188 1.00 45.72 ? 6  DC  A "C3'" 1 
ATOM   111 O  "O3'" . DC  A 1 6 ? 10.483  -0.251  -9.376 1.00 53.68 ? 6  DC  A "O3'" 1 
ATOM   112 C  "C2'" . DC  A 1 6 ? 9.083   1.263   -8.104 1.00 45.05 ? 6  DC  A "C2'" 1 
ATOM   113 C  "C1'" . DC  A 1 6 ? 7.823   1.004   -7.296 1.00 40.92 ? 6  DC  A "C1'" 1 
ATOM   114 N  N1    . DC  A 1 6 ? 8.003   1.167   -5.847 1.00 36.05 ? 6  DC  A N1    1 
ATOM   115 C  C2    . DC  A 1 6 ? 7.894   2.447   -5.306 1.00 33.49 ? 6  DC  A C2    1 
ATOM   116 O  O2    . DC  A 1 6 ? 7.685   3.398   -6.073 1.00 34.64 ? 6  DC  A O2    1 
ATOM   117 N  N3    . DC  A 1 6 ? 8.026   2.616   -3.969 1.00 31.60 ? 6  DC  A N3    1 
ATOM   118 C  C4    . DC  A 1 6 ? 8.274   1.562   -3.187 1.00 33.31 ? 6  DC  A C4    1 
ATOM   119 N  N4    . DC  A 1 6 ? 8.389   1.772   -1.873 1.00 31.47 ? 6  DC  A N4    1 
ATOM   120 C  C5    . DC  A 1 6 ? 8.410   0.244   -3.719 1.00 31.52 ? 6  DC  A C5    1 
ATOM   121 C  C6    . DC  A 1 6 ? 8.266   0.093   -5.042 1.00 32.44 ? 6  DC  A C6    1 
ATOM   122 O  "O5'" . DG  B 1 1 ? 7.348   11.431  0.631  1.00 55.10 ? 7  DG  B "O5'" 1 
ATOM   123 C  "C5'" . DG  B 1 1 ? 7.525   12.556  -0.229 1.00 46.26 ? 7  DG  B "C5'" 1 
ATOM   124 C  "C4'" . DG  B 1 1 ? 7.533   12.152  -1.685 1.00 45.46 ? 7  DG  B "C4'" 1 
ATOM   125 O  "O4'" . DG  B 1 1 ? 8.636   11.261  -1.943 1.00 45.65 ? 7  DG  B "O4'" 1 
ATOM   126 C  "C3'" . DG  B 1 1 ? 6.304   11.385  -2.139 1.00 47.52 ? 7  DG  B "C3'" 1 
ATOM   127 O  "O3'" . DG  B 1 1 ? 5.226   12.256  -2.492 1.00 52.97 ? 7  DG  B "O3'" 1 
ATOM   128 C  "C2'" . DG  B 1 1 ? 6.842   10.675  -3.363 1.00 44.57 ? 7  DG  B "C2'" 1 
ATOM   129 C  "C1'" . DG  B 1 1 ? 8.227   10.269  -2.884 1.00 40.11 ? 7  DG  B "C1'" 1 
ATOM   130 N  N9    . DG  B 1 1 ? 8.232   8.976   -2.208 1.00 32.84 ? 7  DG  B N9    1 
ATOM   131 C  C8    . DG  B 1 1 ? 8.318   8.737   -0.858 1.00 30.93 ? 7  DG  B C8    1 
ATOM   132 N  N7    . DG  B 1 1 ? 8.299   7.465   -0.561 1.00 29.98 ? 7  DG  B N7    1 
ATOM   133 C  C5    . DG  B 1 1 ? 8.194   6.828   -1.791 1.00 27.07 ? 7  DG  B C5    1 
ATOM   134 C  C6    . DG  B 1 1 ? 8.127   5.451   -2.107 1.00 28.06 ? 7  DG  B C6    1 
ATOM   135 O  O6    . DG  B 1 1 ? 8.152   4.478   -1.339 1.00 31.57 ? 7  DG  B O6    1 
ATOM   136 N  N1    . DG  B 1 1 ? 8.022   5.247   -3.479 1.00 28.01 ? 7  DG  B N1    1 
ATOM   137 C  C2    . DG  B 1 1 ? 7.990   6.244   -4.424 1.00 28.62 ? 7  DG  B C2    1 
ATOM   138 N  N2    . DG  B 1 1 ? 7.899   5.853   -5.701 1.00 30.23 ? 7  DG  B N2    1 
ATOM   139 N  N3    . DG  B 1 1 ? 8.048   7.530   -4.140 1.00 29.95 ? 7  DG  B N3    1 
ATOM   140 C  C4    . DG  B 1 1 ? 8.148   7.748   -2.814 1.00 29.48 ? 7  DG  B C4    1 
ATOM   141 P  P     . DG  B 1 2 ? 3.713   11.733  -2.344 1.00 51.30 ? 8  DG  B P     1 
ATOM   142 O  OP1   . DG  B 1 2 ? 2.818   12.908  -2.500 1.00 54.72 ? 8  DG  B OP1   1 
ATOM   143 O  OP2   . DG  B 1 2 ? 3.630   10.890  -1.115 1.00 46.34 ? 8  DG  B OP2   1 
ATOM   144 O  "O5'" . DG  B 1 2 ? 3.518   10.802  -3.616 1.00 45.70 ? 8  DG  B "O5'" 1 
ATOM   145 C  "C5'" . DG  B 1 2 ? 3.617   11.349  -4.937 1.00 45.51 ? 8  DG  B "C5'" 1 
ATOM   146 C  "C4'" . DG  B 1 2 ? 3.589   10.233  -5.953 1.00 48.99 ? 8  DG  B "C4'" 1 
ATOM   147 O  "O4'" . DG  B 1 2 ? 4.713   9.358   -5.727 1.00 48.16 ? 8  DG  B "O4'" 1 
ATOM   148 C  "C3'" . DG  B 1 2 ? 2.368   9.333   -5.841 1.00 51.86 ? 8  DG  B "C3'" 1 
ATOM   149 O  "O3'" . DG  B 1 2 ? 1.254   9.867   -6.569 1.00 55.09 ? 8  DG  B "O3'" 1 
ATOM   150 C  "C2'" . DG  B 1 2 ? 2.880   8.064   -6.491 1.00 49.23 ? 8  DG  B "C2'" 1 
ATOM   151 C  "C1'" . DG  B 1 2 ? 4.329   8.016   -6.021 1.00 42.77 ? 8  DG  B "C1'" 1 
ATOM   152 N  N9    . DG  B 1 2 ? 4.508   7.215   -4.818 1.00 37.22 ? 8  DG  B N9    1 
ATOM   153 C  C8    . DG  B 1 2 ? 4.665   7.644   -3.521 1.00 34.76 ? 8  DG  B C8    1 
ATOM   154 N  N7    . DG  B 1 2 ? 4.794   6.658   -2.672 1.00 31.74 ? 8  DG  B N7    1 
ATOM   155 C  C5    . DG  B 1 2 ? 4.718   5.514   -3.459 1.00 32.35 ? 8  DG  B C5    1 
ATOM   156 C  C6    . DG  B 1 2 ? 4.791   4.140   -3.108 1.00 32.55 ? 8  DG  B C6    1 
ATOM   157 O  O6    . DG  B 1 2 ? 4.939   3.635   -1.990 1.00 34.63 ? 8  DG  B O6    1 
ATOM   158 N  N1    . DG  B 1 2 ? 4.669   3.319   -4.223 1.00 32.02 ? 8  DG  B N1    1 
ATOM   159 C  C2    . DG  B 1 2 ? 4.495   3.760   -5.512 1.00 34.82 ? 8  DG  B C2    1 
ATOM   160 N  N2    . DG  B 1 2 ? 4.398   2.816   -6.463 1.00 36.34 ? 8  DG  B N2    1 
ATOM   161 N  N3    . DG  B 1 2 ? 4.422   5.032   -5.850 1.00 34.48 ? 8  DG  B N3    1 
ATOM   162 C  C4    . DG  B 1 2 ? 4.542   5.846   -4.783 1.00 35.01 ? 8  DG  B C4    1 
ATOM   163 P  P     . DC  B 1 3 ? -0.234  9.687   -5.985 1.00 55.49 ? 9  DC  B P     1 
ATOM   164 O  OP1   . DC  B 1 3 ? -1.123  10.650  -6.690 1.00 58.42 ? 9  DC  B OP1   1 
ATOM   165 O  OP2   . DC  B 1 3 ? -0.186  9.684   -4.494 1.00 46.01 ? 9  DC  B OP2   1 
ATOM   166 O  "O5'" . DC  B 1 3 ? -0.630  8.225   -6.464 1.00 50.66 ? 9  DC  B "O5'" 1 
ATOM   167 C  "C5'" . DC  B 1 3 ? -0.625  7.136   -5.544 1.00 45.54 ? 9  DC  B "C5'" 1 
ATOM   168 C  "C4'" . DC  B 1 3 ? -0.612  5.831   -6.304 1.00 43.49 ? 9  DC  B "C4'" 1 
ATOM   169 O  "O4'" . DC  B 1 3 ? 0.711   5.264   -6.217 1.00 42.12 ? 9  DC  B "O4'" 1 
ATOM   170 C  "C3'" . DC  B 1 3 ? -1.548  4.795   -5.693 1.00 44.06 ? 9  DC  B "C3'" 1 
ATOM   171 O  "O3'" . DC  B 1 3 ? -2.796  4.813   -6.398 1.00 46.09 ? 9  DC  B "O3'" 1 
ATOM   172 C  "C2'" . DC  B 1 3 ? -0.803  3.502   -5.945 1.00 42.28 ? 9  DC  B "C2'" 1 
ATOM   173 C  "C1'" . DC  B 1 3 ? 0.624   3.951   -5.690 1.00 40.95 ? 9  DC  B "C1'" 1 
ATOM   174 N  N1    . DC  B 1 3 ? 0.945   4.030   -4.261 1.00 35.66 ? 9  DC  B N1    1 
ATOM   175 C  C2    . DC  B 1 3 ? 1.283   2.864   -3.589 1.00 34.79 ? 9  DC  B C2    1 
ATOM   176 O  O2    . DC  B 1 3 ? 1.292   1.795   -4.216 1.00 38.55 ? 9  DC  B O2    1 
ATOM   177 N  N3    . DC  B 1 3 ? 1.593   2.921   -2.279 1.00 34.45 ? 9  DC  B N3    1 
ATOM   178 C  C4    . DC  B 1 3 ? 1.569   4.089   -1.642 1.00 32.12 ? 9  DC  B C4    1 
ATOM   179 N  N4    . DC  B 1 3 ? 1.897   4.094   -0.347 1.00 34.77 ? 9  DC  B N4    1 
ATOM   180 C  C5    . DC  B 1 3 ? 1.216   5.300   -2.303 1.00 29.90 ? 9  DC  B C5    1 
ATOM   181 C  C6    . DC  B 1 3 ? 0.913   5.225   -3.603 1.00 31.09 ? 9  DC  B C6    1 
ATOM   182 P  P     . DG  B 1 4 ? -4.172  4.652   -5.585 1.00 47.73 ? 10 DG  B P     1 
ATOM   183 O  OP1   . DG  B 1 4 ? -5.274  4.943   -6.537 1.00 50.44 ? 10 DG  B OP1   1 
ATOM   184 O  OP2   . DG  B 1 4 ? -4.080  5.411   -4.314 1.00 40.41 ? 10 DG  B OP2   1 
ATOM   185 O  "O5'" . DG  B 1 4 ? -4.204  3.102   -5.215 1.00 44.49 ? 10 DG  B "O5'" 1 
ATOM   186 C  "C5'" . DG  B 1 4 ? -4.107  2.108   -6.245 1.00 35.11 ? 10 DG  B "C5'" 1 
ATOM   187 C  "C4'" . DG  B 1 4 ? -3.620  0.799   -5.668 1.00 29.07 ? 10 DG  B "C4'" 1 
ATOM   188 O  "O4'" . DG  B 1 4 ? -2.391  0.995   -4.950 1.00 28.86 ? 10 DG  B "O4'" 1 
ATOM   189 C  "C3'" . DG  B 1 4 ? -4.544  0.119   -4.679 1.00 26.66 ? 10 DG  B "C3'" 1 
ATOM   190 O  "O3'" . DG  B 1 4 ? -5.505  -0.660  -5.397 1.00 28.28 ? 10 DG  B "O3'" 1 
ATOM   191 C  "C2'" . DG  B 1 4 ? -3.578  -0.800  -3.960 1.00 24.68 ? 10 DG  B "C2'" 1 
ATOM   192 C  "C1'" . DG  B 1 4 ? -2.268  -0.018  -3.959 1.00 25.73 ? 10 DG  B "C1'" 1 
ATOM   193 N  N9    . DG  B 1 4 ? -1.981  0.625   -2.683 1.00 26.45 ? 10 DG  B N9    1 
ATOM   194 C  C8    . DG  B 1 4 ? -2.022  1.966   -2.387 1.00 23.31 ? 10 DG  B C8    1 
ATOM   195 N  N7    . DG  B 1 4 ? -1.746  2.219   -1.136 1.00 25.27 ? 10 DG  B N7    1 
ATOM   196 C  C5    . DG  B 1 4 ? -1.501  0.970   -0.577 1.00 23.14 ? 10 DG  B C5    1 
ATOM   197 C  C6    . DG  B 1 4 ? -1.147  0.602   0.747  1.00 25.20 ? 10 DG  B C6    1 
ATOM   198 O  O6    . DG  B 1 4 ? -0.981  1.332   1.734  1.00 31.83 ? 10 DG  B O6    1 
ATOM   199 N  N1    . DG  B 1 4 ? -0.994  -0.775  0.872  1.00 23.03 ? 10 DG  B N1    1 
ATOM   200 C  C2    . DG  B 1 4 ? -1.158  -1.680  -0.144 1.00 21.59 ? 10 DG  B C2    1 
ATOM   201 N  N2    . DG  B 1 4 ? -0.970  -2.969  0.167  1.00 20.24 ? 10 DG  B N2    1 
ATOM   202 N  N3    . DG  B 1 4 ? -1.481  -1.351  -1.378 1.00 21.65 ? 10 DG  B N3    1 
ATOM   203 C  C4    . DG  B 1 4 ? -1.636  -0.019  -1.522 1.00 24.14 ? 10 DG  B C4    1 
HETATM 204 BR BR    . CBR B 1 5 ? -5.227  0.807   -0.600 1.00 34.93 ? 11 CBR B BR    1 
HETATM 205 P  P     . CBR B 1 5 ? -6.815  -1.199  -4.646 1.00 23.92 ? 11 CBR B P     1 
HETATM 206 O  OP1   . CBR B 1 5 ? -7.691  -1.849  -5.648 1.00 27.45 ? 11 CBR B OP1   1 
HETATM 207 O  OP2   . CBR B 1 5 ? -7.341  -0.098  -3.808 1.00 23.87 ? 11 CBR B OP2   1 
HETATM 208 O  "O5'" . CBR B 1 5 ? -6.270  -2.325  -3.671 1.00 22.32 ? 11 CBR B "O5'" 1 
HETATM 209 N  N1    . CBR B 1 5 ? -4.495  -3.210  -0.136 1.00 24.82 ? 11 CBR B N1    1 
HETATM 210 C  C6    . CBR B 1 5 ? -4.809  -1.995  -0.679 1.00 26.54 ? 11 CBR B C6    1 
HETATM 211 C  C2    . CBR B 1 5 ? -4.130  -3.310  1.205  1.00 25.68 ? 11 CBR B C2    1 
HETATM 212 O  O2    . CBR B 1 5 ? -3.853  -4.426  1.665  1.00 31.03 ? 11 CBR B O2    1 
HETATM 213 N  N3    . CBR B 1 5 ? -4.090  -2.192  1.967  1.00 26.14 ? 11 CBR B N3    1 
HETATM 214 C  C4    . CBR B 1 5 ? -4.410  -1.012  1.435  1.00 26.51 ? 11 CBR B C4    1 
HETATM 215 N  N4    . CBR B 1 5 ? -4.374  0.058   2.228  1.00 25.57 ? 11 CBR B N4    1 
HETATM 216 C  C5    . CBR B 1 5 ? -4.785  -0.881  0.067  1.00 25.82 ? 11 CBR B C5    1 
HETATM 217 C  "C2'" . CBR B 1 5 ? -5.879  -5.172  -0.817 1.00 23.46 ? 11 CBR B "C2'" 1 
HETATM 218 C  "C5'" . CBR B 1 5 ? -5.851  -3.589  -4.183 1.00 21.97 ? 11 CBR B "C5'" 1 
HETATM 219 C  "C4'" . CBR B 1 5 ? -5.554  -4.530  -3.039 1.00 22.42 ? 11 CBR B "C4'" 1 
HETATM 220 O  "O4'" . CBR B 1 5 ? -4.395  -4.088  -2.310 1.00 23.56 ? 11 CBR B "O4'" 1 
HETATM 221 C  "C1'" . CBR B 1 5 ? -4.546  -4.443  -0.935 1.00 24.05 ? 11 CBR B "C1'" 1 
HETATM 222 C  "C3'" . CBR B 1 5 ? -6.651  -4.613  -1.994 1.00 23.82 ? 11 CBR B "C3'" 1 
HETATM 223 O  "O3'" . CBR B 1 5 ? -7.676  -5.520  -2.390 1.00 26.34 ? 11 CBR B "O3'" 1 
ATOM   224 P  P     . DC  B 1 6 ? -9.098  -5.445  -1.667 1.00 25.53 ? 12 DC  B P     1 
ATOM   225 O  OP1   . DC  B 1 6 ? -9.971  -6.493  -2.241 1.00 31.33 ? 12 DC  B OP1   1 
ATOM   226 O  OP2   . DC  B 1 6 ? -9.534  -4.024  -1.682 1.00 25.22 ? 12 DC  B OP2   1 
ATOM   227 O  "O5'" . DC  B 1 6 ? -8.766  -5.841  -0.168 1.00 27.61 ? 12 DC  B "O5'" 1 
ATOM   228 C  "C5'" . DC  B 1 6 ? -8.394  -7.176  0.171  1.00 23.55 ? 12 DC  B "C5'" 1 
ATOM   229 C  "C4'" . DC  B 1 6 ? -8.336  -7.319  1.675  1.00 25.90 ? 12 DC  B "C4'" 1 
ATOM   230 O  "O4'" . DC  B 1 6 ? -7.279  -6.488  2.188  1.00 23.33 ? 12 DC  B "O4'" 1 
ATOM   231 C  "C3'" . DC  B 1 6 ? -9.588  -6.868  2.411  1.00 25.62 ? 12 DC  B "C3'" 1 
ATOM   232 O  "O3'" . DC  B 1 6 ? -10.569 -7.909  2.495  1.00 33.88 ? 12 DC  B "O3'" 1 
ATOM   233 C  "C2'" . DC  B 1 6 ? -9.033  -6.533  3.779  1.00 24.67 ? 12 DC  B "C2'" 1 
ATOM   234 C  "C1'" . DC  B 1 6 ? -7.628  -6.020  3.486  1.00 23.66 ? 12 DC  B "C1'" 1 
ATOM   235 N  N1    . DC  B 1 6 ? -7.506  -4.557  3.491  1.00 24.94 ? 12 DC  B N1    1 
ATOM   236 C  C2    . DC  B 1 6 ? -7.223  -3.926  4.697  1.00 27.65 ? 12 DC  B C2    1 
ATOM   237 O  O2    . DC  B 1 6 ? -7.094  -4.622  5.717  1.00 26.56 ? 12 DC  B O2    1 
ATOM   238 N  N3    . DC  B 1 6 ? -7.099  -2.579  4.728  1.00 26.16 ? 12 DC  B N3    1 
ATOM   239 C  C4    . DC  B 1 6 ? -7.251  -1.871  3.612  1.00 20.26 ? 12 DC  B C4    1 
ATOM   240 N  N4    . DC  B 1 6 ? -7.119  -0.549  3.701  1.00 22.78 ? 12 DC  B N4    1 
ATOM   241 C  C5    . DC  B 1 6 ? -7.545  -2.490  2.364  1.00 18.44 ? 12 DC  B C5    1 
ATOM   242 C  C6    . DC  B 1 6 ? -7.661  -3.823  2.349  1.00 21.07 ? 12 DC  B C6    1 
HETATM 243 O  O     . HOH C 2 . ? -0.457  -9.861  2.443  1.00 66.59 ? 23 HOH A O     1 
HETATM 244 O  O     . HOH C 2 . ? 7.399   4.704   -8.549 1.00 71.37 ? 24 HOH A O     1 
HETATM 245 O  O     . HOH C 2 . ? -3.122  2.158   6.850  1.00 95.24 ? 26 HOH A O     1 
HETATM 246 O  O     . HOH C 2 . ? -1.360  -6.644  2.291  1.00 72.99 ? 35 HOH A O     1 
HETATM 247 O  O     . HOH C 2 . ? 1.929   -1.529  9.313  1.00 89.44 ? 38 HOH A O     1 
HETATM 248 O  O     . HOH C 2 . ? -8.495  3.293   4.845  1.00 80.32 ? 40 HOH A O     1 
HETATM 249 O  O     . HOH D 2 . ? -2.261  4.913   -0.273 1.00 59.57 ? 13 HOH B O     1 
HETATM 250 O  O     . HOH D 2 . ? 4.659   7.813   0.254  1.00 66.20 ? 14 HOH B O     1 
HETATM 251 O  O     . HOH D 2 . ? -9.822  -6.421  -5.764 1.00 45.83 ? 15 HOH B O     1 
HETATM 252 O  O     . HOH D 2 . ? 8.339   6.688   1.999  1.00 73.08 ? 16 HOH B O     1 
HETATM 253 O  O     . HOH D 2 . ? 5.473   3.963   0.505  1.00 51.22 ? 17 HOH B O     1 
HETATM 254 O  O     . HOH D 2 . ? -8.562  0.908   1.560  1.00 39.16 ? 18 HOH B O     1 
HETATM 255 O  O     . HOH D 2 . ? -8.517  -1.590  -1.051 1.00 34.27 ? 19 HOH B O     1 
HETATM 256 O  O     . HOH D 2 . ? -6.640  8.856   -5.294 1.00 0.00  ? 20 HOH B O     1 
HETATM 257 O  O     . HOH D 2 . ? -4.172  -7.730  2.232  1.00 49.26 ? 21 HOH B O     1 
HETATM 258 O  O     . HOH D 2 . ? -11.427 -8.299  0.454  1.00 40.77 ? 22 HOH B O     1 
HETATM 259 O  O     . HOH D 2 . ? -9.470  -10.950 0.448  1.00 70.29 ? 25 HOH B O     1 
HETATM 260 O  O     . HOH D 2 . ? -10.413 -0.120  -7.340 1.00 90.92 ? 27 HOH B O     1 
HETATM 261 O  O     . HOH D 2 . ? -9.937  -3.742  -6.117 1.00 69.29 ? 28 HOH B O     1 
HETATM 262 O  O     . HOH D 2 . ? 8.348   8.654   -6.286 1.00 55.80 ? 29 HOH B O     1 
HETATM 263 O  O     . HOH D 2 . ? -13.976 -8.184  -4.026 1.00 60.11 ? 30 HOH B O     1 
HETATM 264 O  O     . HOH D 2 . ? -0.834  12.427  -3.253 1.00 88.14 ? 31 HOH B O     1 
HETATM 265 O  O     . HOH D 2 . ? -12.415 -5.664  -3.435 1.00 50.41 ? 32 HOH B O     1 
HETATM 266 O  O     . HOH D 2 . ? -11.414 -9.585  -2.605 1.00 0.00  ? 33 HOH B O     1 
HETATM 267 O  O     . HOH D 2 . ? -11.124 -2.412  -3.202 1.00 47.73 ? 34 HOH B O     1 
HETATM 268 O  O     . HOH D 2 . ? 1.900   8.943   -2.316 1.00 81.74 ? 36 HOH B O     1 
HETATM 269 O  O     . HOH D 2 . ? -4.710  3.139   1.978  1.00 75.37 ? 37 HOH B O     1 
HETATM 270 O  O     . HOH D 2 . ? -4.692  4.602   -2.165 1.00 68.63 ? 39 HOH B O     1 
# 
